data_9OG8
#
_entry.id   9OG8
#
_cell.length_a   64.948
_cell.length_b   68.791
_cell.length_c   107.456
_cell.angle_alpha   90.00
_cell.angle_beta   90.00
_cell.angle_gamma   90.00
#
_symmetry.space_group_name_H-M   'P 21 21 21'
#
loop_
_entity.id
_entity.type
_entity.pdbx_description
1 polymer "Bifunctional 3'-5' exonuclease/ATP-dependent helicase WRN"
2 non-polymer (3R,4S)-N-[(2R)-3-cyclohexyl-1-(methylamino)-1-oxopropan-2-yl]-4-{3-[6-(ethanesulfonamido)-2-oxo-2,3-dihydro-1H-1,3-benzimidazol-1-yl]propanamido}-1-[(2-fluoro-4-methylphenyl)acetyl]piperidine-3-carboxamide
3 non-polymer 'ZINC ION'
4 water water
#
_entity_poly.entity_id   1
_entity_poly.type   'polypeptide(L)'
_entity_poly.pdbx_seq_one_letter_code
;SGSDFLWPAPNEEQVTCLKMYFGHSSFKPVQWKVIHSVLEERRDNVAVMATGYGKSLCFQYPPVYVGKIGLVISPLISLM
EDQVLQLKMSNIPACFLGSAQSENVLTDIKLGKYRIVYVTPEYCSGNMGLLQQLEADIGITLIAVDEAHCISEWGHDFRD
SFRKLGSLKTALPMVPIVALTATASSSIREDIVRCLNLRNPQITCTGFDRPNLYLEVRRKTGNILQDLQPFLVKTSSHWE
FEGPTIIYCPSRKMTQQVTGELRKLNLSCGTYHAGMSFSTRKDIHHRFVRDEIQCVIATIAFGMGINKADIRQVIHYGAP
KDMESYYQEIGRAGRDGLQSSCHVLWAPADINLNRHLLTEIRNEKFRLYKLKMMAKMEKYLHSSRCRRQIILSHFEDKQV
QKASLGIMGTEKCCDNCRSRLDHC
;
_entity_poly.pdbx_strand_id   A
#
loop_
_chem_comp.id
_chem_comp.type
_chem_comp.name
_chem_comp.formula
A1CA5 non-polymer (3R,4S)-N-[(2R)-3-cyclohexyl-1-(methylamino)-1-oxopropan-2-yl]-4-{3-[6-(ethanesulfonamido)-2-oxo-2,3-dihydro-1H-1,3-benzimidazol-1-yl]propanamido}-1-[(2-fluoro-4-methylphenyl)acetyl]piperidine-3-carboxamide 'C37 H50 F N7 O7 S'
ZN non-polymer 'ZINC ION' 'Zn 2'
#
# COMPACT_ATOMS: atom_id res chain seq x y z
N SER A 1 -11.16 -9.07 -9.80
CA SER A 1 -11.24 -10.25 -8.94
C SER A 1 -10.29 -11.35 -9.41
N GLY A 2 -10.25 -12.46 -8.66
CA GLY A 2 -9.40 -13.58 -9.00
C GLY A 2 -7.94 -13.19 -9.16
N SER A 3 -7.47 -13.16 -10.42
CA SER A 3 -6.10 -12.80 -10.72
C SER A 3 -5.97 -11.46 -11.46
N ASP A 4 -7.05 -10.68 -11.57
CA ASP A 4 -7.21 -9.70 -12.65
C ASP A 4 -6.13 -8.62 -12.65
N PHE A 5 -6.06 -7.84 -11.60
CA PHE A 5 -5.30 -6.59 -11.58
C PHE A 5 -4.08 -6.72 -10.64
N LEU A 6 -3.45 -7.89 -10.64
CA LEU A 6 -2.34 -8.16 -9.75
C LEU A 6 -1.19 -8.75 -10.52
N TRP A 7 0.04 -8.31 -10.19
CA TRP A 7 1.23 -8.83 -10.84
C TRP A 7 2.30 -9.02 -9.76
N PRO A 8 2.91 -10.18 -9.68
CA PRO A 8 2.64 -11.39 -10.47
C PRO A 8 1.25 -11.92 -10.20
N ALA A 9 0.71 -12.66 -11.13
CA ALA A 9 -0.69 -13.04 -11.05
C ALA A 9 -0.85 -14.22 -10.10
N PRO A 10 -1.83 -14.19 -9.20
CA PRO A 10 -2.18 -15.41 -8.45
C PRO A 10 -2.50 -16.53 -9.42
N ASN A 11 -2.03 -17.73 -9.09
CA ASN A 11 -2.34 -18.88 -9.95
C ASN A 11 -3.70 -19.48 -9.56
N GLU A 12 -4.16 -20.45 -10.36
CA GLU A 12 -5.53 -20.93 -10.16
C GLU A 12 -5.69 -21.63 -8.81
N GLU A 13 -4.66 -22.33 -8.33
CA GLU A 13 -4.73 -22.95 -7.02
C GLU A 13 -4.83 -21.91 -5.90
N GLN A 14 -4.11 -20.79 -6.07
CA GLN A 14 -4.16 -19.76 -5.03
C GLN A 14 -5.54 -19.12 -4.94
N VAL A 15 -6.16 -18.88 -6.10
CA VAL A 15 -7.52 -18.33 -6.12
C VAL A 15 -8.51 -19.33 -5.54
N THR A 16 -8.37 -20.60 -5.92
CA THR A 16 -9.23 -21.62 -5.35
C THR A 16 -9.12 -21.66 -3.84
N CYS A 17 -7.90 -21.63 -3.31
CA CYS A 17 -7.70 -21.64 -1.86
C CYS A 17 -8.40 -20.45 -1.21
N LEU A 18 -8.20 -19.24 -1.78
CA LEU A 18 -8.86 -18.06 -1.25
C LEU A 18 -10.38 -18.24 -1.18
N LYS A 19 -10.97 -18.75 -2.27
CA LYS A 19 -12.43 -18.95 -2.28
C LYS A 19 -12.83 -19.98 -1.23
N MET A 20 -12.19 -21.14 -1.25
CA MET A 20 -12.64 -22.27 -0.44
C MET A 20 -12.46 -22.01 1.06
N TYR A 21 -11.35 -21.38 1.47
CA TYR A 21 -11.10 -21.24 2.89
C TYR A 21 -11.37 -19.86 3.45
N PHE A 22 -11.48 -18.83 2.62
CA PHE A 22 -11.70 -17.51 3.17
C PHE A 22 -12.94 -16.83 2.61
N GLY A 23 -13.62 -17.44 1.64
CA GLY A 23 -14.86 -16.86 1.17
C GLY A 23 -14.71 -15.55 0.45
N HIS A 24 -13.55 -15.31 -0.15
CA HIS A 24 -13.31 -14.08 -0.90
C HIS A 24 -12.97 -14.45 -2.33
N SER A 25 -13.35 -13.57 -3.25
CA SER A 25 -13.08 -13.78 -4.66
C SER A 25 -11.83 -13.06 -5.13
N SER A 26 -11.26 -12.18 -4.31
CA SER A 26 -10.10 -11.41 -4.74
C SER A 26 -9.21 -11.04 -3.56
N PHE A 27 -7.90 -10.99 -3.82
CA PHE A 27 -6.96 -10.34 -2.92
C PHE A 27 -6.94 -8.85 -3.20
N LYS A 28 -6.94 -8.03 -2.15
CA LYS A 28 -6.68 -6.60 -2.35
C LYS A 28 -5.19 -6.42 -2.67
N PRO A 29 -4.82 -5.34 -3.36
CA PRO A 29 -3.44 -5.23 -3.83
C PRO A 29 -2.40 -5.34 -2.71
N VAL A 30 -2.62 -4.65 -1.57
CA VAL A 30 -1.60 -4.74 -0.51
C VAL A 30 -1.57 -6.16 0.08
N GLN A 31 -2.73 -6.80 0.17
CA GLN A 31 -2.78 -8.16 0.70
C GLN A 31 -1.97 -9.08 -0.18
N TRP A 32 -2.12 -8.95 -1.49
CA TRP A 32 -1.32 -9.78 -2.41
C TRP A 32 0.19 -9.49 -2.25
N LYS A 33 0.54 -8.21 -2.17
CA LYS A 33 1.98 -7.85 -2.03
C LYS A 33 2.57 -8.51 -0.78
N VAL A 34 1.87 -8.44 0.35
CA VAL A 34 2.38 -9.12 1.54
C VAL A 34 2.44 -10.64 1.32
N ILE A 35 1.31 -11.24 0.90
CA ILE A 35 1.24 -12.70 0.76
C ILE A 35 2.31 -13.21 -0.21
N HIS A 36 2.42 -12.57 -1.38
CA HIS A 36 3.38 -13.03 -2.36
C HIS A 36 4.81 -12.88 -1.86
N SER A 37 5.10 -11.77 -1.17
CA SER A 37 6.48 -11.60 -0.71
C SER A 37 6.83 -12.66 0.32
N VAL A 38 5.87 -13.05 1.14
CA VAL A 38 6.08 -14.15 2.10
C VAL A 38 6.29 -15.48 1.38
N LEU A 39 5.40 -15.82 0.46
CA LEU A 39 5.43 -17.15 -0.15
C LEU A 39 6.62 -17.32 -1.08
N GLU A 40 6.94 -16.30 -1.88
CA GLU A 40 7.99 -16.47 -2.88
C GLU A 40 9.33 -15.91 -2.49
N GLU A 41 9.40 -14.82 -1.71
CA GLU A 41 10.70 -14.27 -1.33
C GLU A 41 11.04 -14.53 0.12
N ARG A 42 10.14 -15.17 0.89
CA ARG A 42 10.35 -15.38 2.32
C ARG A 42 10.78 -14.08 3.00
N ARG A 43 10.07 -13.01 2.71
CA ARG A 43 10.56 -11.67 3.05
C ARG A 43 9.84 -11.10 4.26
N ASP A 44 10.62 -10.50 5.18
CA ASP A 44 10.02 -9.77 6.31
C ASP A 44 9.16 -8.62 5.79
N ASN A 45 8.09 -8.32 6.52
CA ASN A 45 7.18 -7.23 6.17
C ASN A 45 6.87 -6.38 7.40
N VAL A 46 6.69 -5.09 7.16
CA VAL A 46 6.00 -4.22 8.10
C VAL A 46 4.82 -3.66 7.33
N ALA A 47 3.60 -3.92 7.82
CA ALA A 47 2.35 -3.52 7.16
C ALA A 47 1.57 -2.63 8.12
N VAL A 48 1.53 -1.34 7.79
CA VAL A 48 0.74 -0.35 8.51
C VAL A 48 -0.62 -0.27 7.81
N MET A 49 -1.68 -0.60 8.54
CA MET A 49 -3.03 -0.54 8.00
C MET A 49 -3.85 0.37 8.90
N ALA A 50 -4.20 1.55 8.38
CA ALA A 50 -4.67 2.66 9.22
C ALA A 50 -5.83 2.27 10.12
N THR A 51 -6.75 1.42 9.63
CA THR A 51 -7.94 1.03 10.39
C THR A 51 -7.79 -0.29 11.13
N GLY A 52 -6.86 -1.16 10.72
CA GLY A 52 -6.75 -2.49 11.28
C GLY A 52 -7.53 -3.54 10.53
N TYR A 53 -8.61 -3.14 9.87
CA TYR A 53 -9.30 -4.06 8.98
C TYR A 53 -8.34 -4.54 7.90
N GLY A 54 -8.61 -5.74 7.39
CA GLY A 54 -7.89 -6.28 6.27
C GLY A 54 -6.56 -6.93 6.58
N LYS A 55 -6.12 -6.95 7.83
CA LYS A 55 -4.79 -7.52 8.06
C LYS A 55 -4.82 -9.03 8.22
N SER A 56 -5.96 -9.63 8.63
CA SER A 56 -5.99 -11.05 8.97
C SER A 56 -5.56 -11.92 7.80
N LEU A 57 -6.04 -11.61 6.59
CA LEU A 57 -5.71 -12.44 5.45
C LEU A 57 -4.20 -12.50 5.22
N CYS A 58 -3.48 -11.41 5.53
CA CYS A 58 -2.05 -11.37 5.26
C CYS A 58 -1.31 -12.47 6.01
N PHE A 59 -1.73 -12.78 7.23
CA PHE A 59 -1.00 -13.82 7.95
C PHE A 59 -1.72 -15.15 8.03
N GLN A 60 -3.02 -15.18 7.72
CA GLN A 60 -3.73 -16.45 7.71
C GLN A 60 -3.58 -17.18 6.39
N TYR A 61 -3.60 -16.46 5.28
CA TYR A 61 -3.61 -17.15 3.99
C TYR A 61 -2.35 -17.95 3.72
N PRO A 62 -1.13 -17.44 3.92
CA PRO A 62 0.08 -18.19 3.46
C PRO A 62 0.19 -19.58 4.06
N PRO A 63 0.07 -19.75 5.38
CA PRO A 63 0.21 -21.13 5.91
C PRO A 63 -0.92 -22.03 5.48
N VAL A 64 -2.11 -21.49 5.26
CA VAL A 64 -3.22 -22.33 4.78
C VAL A 64 -2.96 -22.80 3.36
N TYR A 65 -2.50 -21.90 2.50
CA TYR A 65 -2.20 -22.27 1.12
C TYR A 65 -1.15 -23.38 1.06
N VAL A 66 -0.03 -23.21 1.78
CA VAL A 66 1.02 -24.21 1.64
C VAL A 66 0.83 -25.39 2.59
N GLY A 67 -0.16 -25.34 3.46
CA GLY A 67 -0.43 -26.47 4.35
C GLY A 67 0.59 -26.70 5.45
N LYS A 68 1.24 -25.63 5.94
CA LYS A 68 2.23 -25.75 7.01
C LYS A 68 1.72 -25.03 8.26
N ILE A 69 2.53 -24.17 8.88
CA ILE A 69 2.18 -23.52 10.15
C ILE A 69 2.48 -22.03 10.07
N GLY A 70 1.54 -21.22 10.55
CA GLY A 70 1.80 -19.82 10.81
C GLY A 70 1.63 -19.55 12.29
N LEU A 71 2.53 -18.75 12.85
CA LEU A 71 2.50 -18.37 14.25
C LEU A 71 2.02 -16.94 14.31
N VAL A 72 1.09 -16.63 15.21
CA VAL A 72 0.56 -15.28 15.36
C VAL A 72 0.77 -14.86 16.80
N ILE A 73 1.53 -13.79 17.00
CA ILE A 73 1.91 -13.32 18.32
C ILE A 73 1.10 -12.06 18.61
N SER A 74 0.32 -12.07 19.68
CA SER A 74 -0.51 -10.90 19.94
C SER A 74 -0.82 -10.84 21.42
N PRO A 75 -1.04 -9.64 21.99
CA PRO A 75 -1.47 -9.55 23.38
C PRO A 75 -2.97 -9.55 23.53
N LEU A 76 -3.71 -9.47 22.42
CA LEU A 76 -5.16 -9.27 22.45
C LEU A 76 -5.83 -10.64 22.55
N ILE A 77 -5.91 -11.14 23.77
CA ILE A 77 -6.34 -12.52 24.02
C ILE A 77 -7.71 -12.79 23.41
N SER A 78 -8.70 -11.98 23.77
CA SER A 78 -10.07 -12.28 23.35
C SER A 78 -10.19 -12.24 21.84
N LEU A 79 -9.51 -11.30 21.18
CA LEU A 79 -9.63 -11.26 19.72
C LEU A 79 -8.97 -12.49 19.10
N MET A 80 -7.85 -12.93 19.67
CA MET A 80 -7.21 -14.14 19.19
C MET A 80 -8.15 -15.35 19.31
N GLU A 81 -8.82 -15.49 20.46
CA GLU A 81 -9.76 -16.59 20.63
C GLU A 81 -10.91 -16.49 19.62
N ASP A 82 -11.39 -15.26 19.38
CA ASP A 82 -12.41 -15.07 18.35
C ASP A 82 -11.93 -15.57 17.00
N GLN A 83 -10.69 -15.21 16.62
CA GLN A 83 -10.19 -15.61 15.31
C GLN A 83 -10.02 -17.13 15.21
N VAL A 84 -9.55 -17.76 16.28
CA VAL A 84 -9.53 -19.22 16.29
C VAL A 84 -10.92 -19.79 16.00
N LEU A 85 -11.96 -19.23 16.63
CA LEU A 85 -13.32 -19.71 16.35
C LEU A 85 -13.67 -19.56 14.87
N GLN A 86 -13.43 -18.37 14.31
CA GLN A 86 -13.77 -18.12 12.90
C GLN A 86 -13.02 -19.07 11.98
N LEU A 87 -11.72 -19.26 12.23
CA LEU A 87 -10.95 -20.18 11.42
C LEU A 87 -11.56 -21.57 11.46
N LYS A 88 -11.88 -22.06 12.66
CA LYS A 88 -12.42 -23.41 12.74
C LYS A 88 -13.76 -23.49 12.03
N MET A 89 -14.53 -22.39 12.03
CA MET A 89 -15.77 -22.33 11.25
C MET A 89 -15.50 -22.47 9.76
N SER A 90 -14.34 -22.02 9.28
CA SER A 90 -13.98 -22.18 7.88
C SER A 90 -13.24 -23.49 7.56
N ASN A 91 -13.22 -24.47 8.47
CA ASN A 91 -12.50 -25.73 8.32
C ASN A 91 -10.98 -25.55 8.38
N ILE A 92 -10.48 -24.46 8.95
CA ILE A 92 -9.04 -24.25 9.08
C ILE A 92 -8.67 -24.62 10.52
N PRO A 93 -7.88 -25.67 10.74
CA PRO A 93 -7.45 -25.99 12.11
C PRO A 93 -6.59 -24.88 12.67
N ALA A 94 -6.93 -24.43 13.87
CA ALA A 94 -6.20 -23.35 14.52
C ALA A 94 -6.39 -23.51 16.01
N CYS A 95 -5.43 -23.00 16.76
CA CYS A 95 -5.57 -23.02 18.21
C CYS A 95 -4.82 -21.86 18.82
N PHE A 96 -5.15 -21.59 20.08
CA PHE A 96 -4.49 -20.59 20.91
C PHE A 96 -3.64 -21.36 21.92
N LEU A 97 -2.33 -21.35 21.72
CA LEU A 97 -1.42 -22.14 22.53
C LEU A 97 -0.94 -21.32 23.72
N GLY A 98 -1.14 -21.84 24.92
CA GLY A 98 -0.59 -21.27 26.13
C GLY A 98 -0.16 -22.36 27.08
N SER A 99 0.28 -21.95 28.28
CA SER A 99 0.75 -22.92 29.27
C SER A 99 -0.33 -23.93 29.62
N ALA A 100 -1.58 -23.47 29.74
CA ALA A 100 -2.69 -24.32 30.15
C ALA A 100 -3.13 -25.30 29.08
N GLN A 101 -2.48 -25.33 27.91
CA GLN A 101 -2.90 -26.24 26.86
C GLN A 101 -2.35 -27.64 27.09
N SER A 102 -3.15 -28.65 26.72
CA SER A 102 -2.84 -30.04 27.00
C SER A 102 -1.72 -30.57 26.13
N GLU A 103 -0.98 -31.54 26.69
CA GLU A 103 0.11 -32.17 25.94
C GLU A 103 -0.38 -32.80 24.65
N ASN A 104 -1.67 -33.16 24.58
CA ASN A 104 -2.22 -33.68 23.32
C ASN A 104 -2.31 -32.59 22.26
N VAL A 105 -2.69 -31.37 22.66
CA VAL A 105 -2.68 -30.25 21.72
C VAL A 105 -1.26 -29.92 21.32
N LEU A 106 -0.32 -29.96 22.26
CA LEU A 106 1.09 -29.69 21.94
C LEU A 106 1.63 -30.70 20.95
N THR A 107 1.33 -31.99 21.16
CA THR A 107 1.75 -33.00 20.22
C THR A 107 1.11 -32.80 18.86
N ASP A 108 -0.18 -32.48 18.83
CA ASP A 108 -0.85 -32.19 17.57
C ASP A 108 -0.20 -31.03 16.83
N ILE A 109 0.22 -29.98 17.57
CA ILE A 109 0.92 -28.88 16.92
C ILE A 109 2.27 -29.36 16.37
N LYS A 110 3.01 -30.13 17.17
CA LYS A 110 4.27 -30.67 16.66
C LYS A 110 4.06 -31.60 15.48
N LEU A 111 2.91 -32.28 15.40
CA LEU A 111 2.62 -33.11 14.24
C LEU A 111 2.16 -32.31 13.03
N GLY A 112 1.98 -30.99 13.15
CA GLY A 112 1.60 -30.21 12.01
C GLY A 112 0.11 -30.23 11.71
N LYS A 113 -0.72 -30.57 12.68
CA LYS A 113 -2.14 -30.66 12.40
C LYS A 113 -2.85 -29.30 12.46
N TYR A 114 -2.21 -28.27 13.00
CA TYR A 114 -2.79 -26.94 13.13
C TYR A 114 -2.14 -26.00 12.12
N ARG A 115 -2.96 -25.28 11.36
CA ARG A 115 -2.40 -24.36 10.38
C ARG A 115 -1.95 -23.08 11.04
N ILE A 116 -2.67 -22.62 12.05
CA ILE A 116 -2.44 -21.31 12.65
C ILE A 116 -2.47 -21.47 14.15
N VAL A 117 -1.39 -21.04 14.79
CA VAL A 117 -1.20 -21.14 16.22
C VAL A 117 -1.01 -19.73 16.74
N TYR A 118 -1.93 -19.28 17.59
CA TYR A 118 -1.88 -18.00 18.28
C TYR A 118 -1.21 -18.16 19.63
N VAL A 119 -0.31 -17.22 19.97
CA VAL A 119 0.37 -17.21 21.26
C VAL A 119 0.53 -15.77 21.74
N THR A 120 0.73 -15.62 23.04
CA THR A 120 1.09 -14.33 23.58
C THR A 120 2.59 -14.11 23.42
N PRO A 121 3.03 -12.85 23.43
CA PRO A 121 4.48 -12.61 23.39
C PRO A 121 5.23 -13.26 24.55
N GLU A 122 4.60 -13.38 25.72
CA GLU A 122 5.28 -13.97 26.87
C GLU A 122 5.50 -15.46 26.65
N TYR A 123 4.45 -16.15 26.19
CA TYR A 123 4.60 -17.57 25.88
C TYR A 123 5.67 -17.79 24.81
N CYS A 124 5.60 -16.98 23.76
CA CYS A 124 6.55 -17.09 22.66
C CYS A 124 7.99 -16.95 23.17
N SER A 125 8.24 -15.93 23.99
CA SER A 125 9.58 -15.75 24.55
C SER A 125 9.98 -16.92 25.45
N GLY A 126 9.02 -17.56 26.10
CA GLY A 126 9.39 -18.66 26.96
C GLY A 126 9.58 -19.99 26.26
N ASN A 127 9.22 -20.08 24.97
CA ASN A 127 9.19 -21.37 24.27
C ASN A 127 9.84 -21.30 22.87
N MET A 128 11.01 -20.64 22.81
CA MET A 128 11.68 -20.51 21.52
C MET A 128 12.09 -21.88 20.99
N GLY A 129 12.51 -22.79 21.88
CA GLY A 129 12.94 -24.11 21.41
C GLY A 129 11.82 -24.87 20.73
N LEU A 130 10.60 -24.75 21.26
CA LEU A 130 9.43 -25.33 20.60
C LEU A 130 9.26 -24.75 19.22
N LEU A 131 9.36 -23.41 19.11
CA LEU A 131 9.20 -22.82 17.77
C LEU A 131 10.25 -23.35 16.80
N GLN A 132 11.49 -23.46 17.26
CA GLN A 132 12.54 -23.99 16.39
C GLN A 132 12.25 -25.42 15.98
N GLN A 133 11.72 -26.24 16.89
CA GLN A 133 11.35 -27.59 16.48
C GLN A 133 10.25 -27.57 15.42
N LEU A 134 9.25 -26.70 15.58
CA LEU A 134 8.20 -26.60 14.56
C LEU A 134 8.79 -26.20 13.21
N GLU A 135 9.76 -25.29 13.22
CA GLU A 135 10.41 -24.92 11.97
C GLU A 135 11.18 -26.10 11.38
N ALA A 136 11.89 -26.85 12.22
CA ALA A 136 12.67 -27.98 11.69
C ALA A 136 11.77 -29.10 11.18
N ASP A 137 10.68 -29.41 11.88
CA ASP A 137 9.88 -30.60 11.54
C ASP A 137 8.85 -30.34 10.47
N ILE A 138 8.23 -29.16 10.51
CA ILE A 138 7.09 -28.83 9.66
C ILE A 138 7.44 -27.67 8.73
N GLY A 139 8.01 -26.60 9.28
CA GLY A 139 8.29 -25.39 8.52
C GLY A 139 7.31 -24.28 8.87
N ILE A 140 7.79 -23.14 9.36
CA ILE A 140 6.91 -22.03 9.73
C ILE A 140 6.83 -21.08 8.55
N THR A 141 5.63 -20.99 7.96
CA THR A 141 5.44 -20.12 6.79
C THR A 141 5.74 -18.65 7.13
N LEU A 142 5.29 -18.20 8.29
CA LEU A 142 5.53 -16.82 8.72
C LEU A 142 5.25 -16.74 10.21
N ILE A 143 5.83 -15.73 10.83
CA ILE A 143 5.47 -15.31 12.19
C ILE A 143 4.86 -13.92 12.09
N ALA A 144 3.63 -13.78 12.56
CA ALA A 144 2.97 -12.48 12.55
C ALA A 144 3.13 -11.87 13.94
N VAL A 145 3.49 -10.58 14.00
CA VAL A 145 3.55 -9.85 15.27
C VAL A 145 2.49 -8.77 15.17
N ASP A 146 1.35 -8.97 15.84
CA ASP A 146 0.31 -7.96 15.83
C ASP A 146 0.62 -6.91 16.89
N GLU A 147 -0.03 -5.75 16.77
CA GLU A 147 0.23 -4.61 17.66
C GLU A 147 1.74 -4.33 17.75
N ALA A 148 2.42 -4.38 16.60
CA ALA A 148 3.88 -4.42 16.62
C ALA A 148 4.48 -3.13 17.16
N HIS A 149 3.76 -2.01 17.03
CA HIS A 149 4.22 -0.75 17.61
C HIS A 149 4.48 -0.84 19.11
N CYS A 150 3.86 -1.82 19.80
CA CYS A 150 4.11 -2.02 21.21
C CYS A 150 5.54 -2.40 21.52
N ILE A 151 6.36 -2.73 20.52
CA ILE A 151 7.76 -3.00 20.83
C ILE A 151 8.55 -1.72 21.01
N SER A 152 7.98 -0.57 20.67
CA SER A 152 8.71 0.69 20.67
C SER A 152 8.59 1.38 22.03
N GLU A 153 9.73 1.67 22.65
CA GLU A 153 9.70 2.39 23.92
C GLU A 153 9.33 3.86 23.73
N TRP A 154 9.43 4.36 22.50
CA TRP A 154 9.09 5.74 22.17
C TRP A 154 7.60 5.97 21.98
N GLY A 155 6.79 4.91 21.88
CA GLY A 155 5.36 5.05 21.68
C GLY A 155 4.58 4.97 22.99
N HIS A 156 3.30 5.32 22.90
CA HIS A 156 2.47 5.41 24.10
C HIS A 156 2.02 4.06 24.62
N ASP A 157 2.10 2.99 23.83
CA ASP A 157 1.58 1.69 24.23
C ASP A 157 2.67 0.62 24.25
N PHE A 158 3.86 0.98 24.68
CA PHE A 158 4.91 0.00 24.86
C PHE A 158 4.49 -1.08 25.85
N ARG A 159 4.80 -2.34 25.51
CA ARG A 159 4.62 -3.47 26.41
C ARG A 159 5.97 -4.17 26.57
N ASP A 160 6.40 -4.35 27.83
CA ASP A 160 7.67 -5.02 28.09
C ASP A 160 7.70 -6.41 27.48
N SER A 161 6.55 -7.09 27.48
CA SER A 161 6.43 -8.41 26.86
C SER A 161 6.87 -8.45 25.39
N PHE A 162 7.03 -7.32 24.71
CA PHE A 162 7.47 -7.30 23.31
C PHE A 162 8.99 -7.25 23.14
N ARG A 163 9.74 -6.85 24.18
CA ARG A 163 11.18 -6.66 24.04
C ARG A 163 11.87 -7.94 23.55
N LYS A 164 11.56 -9.05 24.20
CA LYS A 164 12.22 -10.31 23.88
C LYS A 164 11.92 -10.78 22.46
N LEU A 165 10.93 -10.20 21.78
CA LEU A 165 10.67 -10.65 20.42
C LEU A 165 11.83 -10.33 19.50
N GLY A 166 12.76 -9.49 19.95
CA GLY A 166 13.98 -9.30 19.20
C GLY A 166 14.74 -10.58 18.90
N SER A 167 14.50 -11.64 19.66
CA SER A 167 15.27 -12.86 19.43
C SER A 167 14.65 -13.77 18.37
N LEU A 168 13.41 -13.50 17.94
CA LEU A 168 12.79 -14.35 16.94
C LEU A 168 13.69 -14.51 15.72
N LYS A 169 14.18 -13.37 15.21
CA LYS A 169 14.92 -13.41 13.97
C LYS A 169 16.30 -14.02 14.16
N THR A 170 16.86 -13.97 15.38
CA THR A 170 18.15 -14.62 15.53
C THR A 170 17.98 -16.11 15.77
N ALA A 171 16.85 -16.53 16.35
CA ALA A 171 16.65 -17.97 16.53
C ALA A 171 16.11 -18.62 15.28
N LEU A 172 15.40 -17.86 14.45
CA LEU A 172 14.73 -18.38 13.26
C LEU A 172 14.99 -17.45 12.08
N PRO A 173 16.26 -17.30 11.66
CA PRO A 173 16.57 -16.25 10.68
C PRO A 173 15.97 -16.49 9.30
N MET A 174 15.59 -17.70 8.97
CA MET A 174 14.99 -17.95 7.66
C MET A 174 13.47 -17.74 7.64
N VAL A 175 12.81 -17.53 8.78
CA VAL A 175 11.36 -17.45 8.84
C VAL A 175 10.96 -15.99 8.69
N PRO A 176 10.11 -15.64 7.72
CA PRO A 176 9.72 -14.22 7.59
C PRO A 176 8.84 -13.81 8.74
N ILE A 177 9.02 -12.56 9.18
CA ILE A 177 8.18 -11.96 10.19
C ILE A 177 7.32 -10.91 9.49
N VAL A 178 6.01 -10.93 9.78
CA VAL A 178 5.08 -9.91 9.29
C VAL A 178 4.63 -9.11 10.50
N ALA A 179 5.12 -7.88 10.64
CA ALA A 179 4.77 -7.01 11.76
C ALA A 179 3.62 -6.14 11.31
N LEU A 180 2.53 -6.15 12.08
CA LEU A 180 1.31 -5.43 11.71
C LEU A 180 1.02 -4.33 12.71
N THR A 181 0.65 -3.16 12.21
CA THR A 181 0.26 -2.11 13.17
C THR A 181 -0.64 -1.13 12.44
N ALA A 182 -1.41 -0.37 13.22
CA ALA A 182 -2.19 0.72 12.65
C ALA A 182 -1.54 2.07 12.84
N THR A 183 -0.41 2.15 13.52
CA THR A 183 0.08 3.47 13.87
C THR A 183 0.84 4.07 12.69
N ALA A 184 0.46 5.29 12.31
CA ALA A 184 1.07 5.97 11.19
C ALA A 184 2.11 6.97 11.71
N SER A 185 3.16 6.41 12.31
CA SER A 185 4.32 7.16 12.74
C SER A 185 5.52 6.52 12.08
N SER A 186 6.26 7.31 11.29
CA SER A 186 7.42 6.77 10.57
C SER A 186 8.53 6.36 11.53
N SER A 187 8.65 7.04 12.66
CA SER A 187 9.69 6.69 13.61
C SER A 187 9.32 5.45 14.41
N ILE A 188 8.05 5.30 14.80
CA ILE A 188 7.61 4.02 15.35
C ILE A 188 7.88 2.88 14.38
N ARG A 189 7.63 3.11 13.09
CA ARG A 189 7.89 2.08 12.09
C ARG A 189 9.37 1.70 12.03
N GLU A 190 10.25 2.70 12.01
CA GLU A 190 11.69 2.42 12.02
C GLU A 190 12.07 1.66 13.29
N ASP A 191 11.42 1.98 14.41
CA ASP A 191 11.70 1.28 15.67
C ASP A 191 11.30 -0.18 15.58
N ILE A 192 10.15 -0.45 14.98
CA ILE A 192 9.71 -1.83 14.79
C ILE A 192 10.75 -2.61 13.98
N VAL A 193 11.20 -2.02 12.87
CA VAL A 193 12.19 -2.69 12.03
C VAL A 193 13.45 -3.00 12.84
N ARG A 194 13.90 -2.03 13.65
CA ARG A 194 15.13 -2.21 14.43
C ARG A 194 14.95 -3.25 15.53
N CYS A 195 13.91 -3.12 16.33
CA CYS A 195 13.76 -3.98 17.50
C CYS A 195 13.45 -5.42 17.11
N LEU A 196 12.73 -5.64 16.01
CA LEU A 196 12.51 -7.01 15.57
C LEU A 196 13.65 -7.54 14.71
N ASN A 197 14.69 -6.74 14.44
CA ASN A 197 15.85 -7.19 13.66
C ASN A 197 15.45 -7.67 12.26
N LEU A 198 14.45 -7.03 11.67
CA LEU A 198 13.98 -7.44 10.35
C LEU A 198 15.06 -7.21 9.30
N ARG A 199 15.01 -7.99 8.23
CA ARG A 199 16.01 -7.94 7.18
C ARG A 199 15.36 -7.42 5.92
N ASN A 200 15.79 -6.23 5.49
CA ASN A 200 15.32 -5.58 4.27
C ASN A 200 13.81 -5.76 4.08
N PRO A 201 12.99 -5.39 5.05
CA PRO A 201 11.57 -5.76 4.96
C PRO A 201 10.86 -4.98 3.87
N GLN A 202 9.82 -5.61 3.33
CA GLN A 202 8.84 -4.86 2.52
C GLN A 202 8.00 -4.03 3.45
N ILE A 203 7.97 -2.72 3.23
CA ILE A 203 7.21 -1.81 4.09
C ILE A 203 6.02 -1.30 3.28
N THR A 204 4.82 -1.45 3.81
CA THR A 204 3.62 -0.93 3.15
C THR A 204 2.81 -0.12 4.14
N CYS A 205 2.20 0.95 3.62
N CYS A 205 2.17 0.92 3.60
CA CYS A 205 1.33 1.81 4.40
CA CYS A 205 1.33 1.82 4.38
C CYS A 205 0.04 2.00 3.62
C CYS A 205 0.04 2.01 3.60
N THR A 206 -1.07 1.52 4.15
CA THR A 206 -2.33 1.53 3.41
C THR A 206 -3.50 1.71 4.37
N GLY A 207 -4.72 1.68 3.81
CA GLY A 207 -5.95 1.77 4.60
C GLY A 207 -6.50 3.17 4.81
N PHE A 208 -5.99 4.19 4.12
CA PHE A 208 -6.38 5.59 4.28
C PHE A 208 -7.51 6.00 3.35
N ASP A 209 -8.33 6.96 3.81
CA ASP A 209 -9.20 7.67 2.88
C ASP A 209 -8.72 9.08 2.55
N ARG A 210 -7.67 9.59 3.21
CA ARG A 210 -7.05 10.90 2.92
C ARG A 210 -8.08 12.01 2.75
N PRO A 211 -8.82 12.37 3.79
CA PRO A 211 -9.91 13.36 3.64
C PRO A 211 -9.45 14.72 3.13
N ASN A 212 -8.17 15.09 3.28
CA ASN A 212 -7.70 16.39 2.83
C ASN A 212 -7.27 16.43 1.36
N LEU A 213 -7.52 15.37 0.59
CA LEU A 213 -7.17 15.35 -0.84
C LEU A 213 -8.45 15.48 -1.65
N TYR A 214 -8.59 16.57 -2.38
CA TYR A 214 -9.70 16.74 -3.32
C TYR A 214 -9.27 16.17 -4.67
N LEU A 215 -10.13 15.36 -5.30
CA LEU A 215 -9.78 14.61 -6.51
C LEU A 215 -10.57 15.07 -7.72
N GLU A 216 -9.90 15.28 -8.86
CA GLU A 216 -10.60 15.76 -10.05
C GLU A 216 -9.93 15.27 -11.33
N VAL A 217 -10.74 14.98 -12.35
CA VAL A 217 -10.25 14.54 -13.65
C VAL A 217 -10.83 15.50 -14.69
N ARG A 218 -9.95 16.03 -15.57
CA ARG A 218 -10.32 16.98 -16.62
C ARG A 218 -9.71 16.52 -17.93
N ARG A 219 -10.42 16.76 -19.04
CA ARG A 219 -9.86 16.44 -20.35
C ARG A 219 -8.87 17.51 -20.80
N LYS A 220 -7.83 17.09 -21.49
CA LYS A 220 -6.84 18.02 -22.05
C LYS A 220 -7.44 18.82 -23.18
N THR A 221 -6.95 20.05 -23.35
CA THR A 221 -7.28 20.84 -24.54
C THR A 221 -6.28 20.63 -25.65
N GLY A 222 -5.13 20.06 -25.36
CA GLY A 222 -4.04 19.99 -26.31
C GLY A 222 -3.04 21.13 -26.24
N ASN A 223 -3.34 22.17 -25.47
CA ASN A 223 -2.41 23.30 -25.32
C ASN A 223 -1.92 23.31 -23.88
N ILE A 224 -0.61 23.12 -23.69
CA ILE A 224 -0.06 22.91 -22.35
C ILE A 224 -0.39 24.08 -21.43
N LEU A 225 -0.11 25.31 -21.88
CA LEU A 225 -0.35 26.45 -21.00
C LEU A 225 -1.83 26.67 -20.78
N GLN A 226 -2.65 26.46 -21.81
CA GLN A 226 -4.09 26.54 -21.59
C GLN A 226 -4.54 25.51 -20.57
N ASP A 227 -3.94 24.32 -20.59
CA ASP A 227 -4.32 23.26 -19.65
C ASP A 227 -3.88 23.60 -18.23
N LEU A 228 -2.72 24.23 -18.08
CA LEU A 228 -2.13 24.43 -16.75
C LEU A 228 -2.45 25.79 -16.14
N GLN A 229 -2.85 26.77 -16.92
CA GLN A 229 -3.09 28.10 -16.37
C GLN A 229 -4.10 28.12 -15.23
N PRO A 230 -5.17 27.32 -15.22
CA PRO A 230 -6.04 27.29 -14.04
C PRO A 230 -5.30 27.01 -12.74
N PHE A 231 -4.14 26.35 -12.77
CA PHE A 231 -3.42 26.06 -11.54
C PHE A 231 -2.46 27.18 -11.14
N LEU A 232 -2.44 28.27 -11.90
CA LEU A 232 -1.51 29.37 -11.68
C LEU A 232 -2.26 30.58 -11.16
N VAL A 233 -1.53 31.44 -10.49
CA VAL A 233 -2.05 32.74 -10.09
C VAL A 233 -1.17 33.82 -10.71
N LYS A 234 -1.79 34.87 -11.24
CA LYS A 234 -1.08 35.94 -11.92
C LYS A 234 -1.03 37.20 -11.06
N THR A 235 -0.07 38.08 -11.38
CA THR A 235 0.22 39.33 -10.67
C THR A 235 0.66 39.08 -9.24
N HIS A 238 3.40 39.02 -12.29
CA HIS A 238 4.07 37.76 -12.63
C HIS A 238 3.22 36.54 -12.25
N TRP A 239 3.58 35.37 -12.75
CA TRP A 239 2.83 34.16 -12.44
C TRP A 239 3.51 33.35 -11.35
N GLU A 240 2.72 32.56 -10.63
CA GLU A 240 3.26 31.54 -9.75
C GLU A 240 2.23 30.44 -9.56
N PHE A 241 2.68 29.32 -9.00
CA PHE A 241 1.73 28.29 -8.65
C PHE A 241 1.00 28.66 -7.36
N GLU A 242 -0.19 28.06 -7.17
CA GLU A 242 -0.95 28.31 -5.95
C GLU A 242 -0.22 27.83 -4.71
N GLY A 243 0.63 26.81 -4.84
CA GLY A 243 1.35 26.24 -3.73
C GLY A 243 2.33 25.26 -4.33
N PRO A 244 3.13 24.57 -3.50
CA PRO A 244 4.08 23.61 -4.07
C PRO A 244 3.37 22.52 -4.86
N THR A 245 3.92 22.20 -6.03
CA THR A 245 3.19 21.39 -7.00
C THR A 245 4.11 20.34 -7.58
N ILE A 246 3.60 19.12 -7.75
CA ILE A 246 4.26 18.09 -8.57
C ILE A 246 3.41 17.87 -9.81
N ILE A 247 4.04 17.89 -10.98
CA ILE A 247 3.37 17.49 -12.22
C ILE A 247 4.03 16.21 -12.69
N TYR A 248 3.28 15.12 -12.69
CA TYR A 248 3.76 13.84 -13.20
C TYR A 248 3.47 13.72 -14.69
N CYS A 249 4.49 13.41 -15.47
CA CYS A 249 4.39 13.22 -16.90
C CYS A 249 4.80 11.81 -17.28
N PRO A 250 4.21 11.26 -18.34
CA PRO A 250 4.48 9.84 -18.64
C PRO A 250 5.78 9.59 -19.36
N SER A 251 6.46 10.62 -19.85
CA SER A 251 7.70 10.41 -20.59
C SER A 251 8.64 11.58 -20.35
N ARG A 252 9.93 11.36 -20.57
CA ARG A 252 10.88 12.47 -20.42
C ARG A 252 10.64 13.57 -21.44
N LYS A 253 10.25 13.22 -22.66
CA LYS A 253 9.92 14.25 -23.65
C LYS A 253 8.79 15.16 -23.18
N MET A 254 7.73 14.58 -22.63
CA MET A 254 6.65 15.43 -22.15
C MET A 254 7.08 16.21 -20.92
N THR A 255 7.92 15.62 -20.06
CA THR A 255 8.46 16.39 -18.93
C THR A 255 9.21 17.63 -19.43
N GLN A 256 10.00 17.46 -20.48
CA GLN A 256 10.77 18.61 -20.99
C GLN A 256 9.85 19.63 -21.64
N GLN A 257 8.85 19.17 -22.42
CA GLN A 257 7.90 20.10 -23.02
C GLN A 257 7.18 20.93 -21.96
N VAL A 258 6.62 20.26 -20.95
CA VAL A 258 5.89 20.95 -19.89
C VAL A 258 6.80 21.95 -19.18
N THR A 259 8.02 21.51 -18.83
CA THR A 259 8.94 22.42 -18.16
C THR A 259 9.26 23.64 -19.03
N GLY A 260 9.49 23.43 -20.32
CA GLY A 260 9.81 24.57 -21.19
C GLY A 260 8.66 25.55 -21.25
N GLU A 261 7.42 25.04 -21.33
CA GLU A 261 6.26 25.92 -21.36
C GLU A 261 6.14 26.72 -20.08
N LEU A 262 6.30 26.06 -18.94
CA LEU A 262 6.15 26.78 -17.67
C LEU A 262 7.25 27.81 -17.51
N ARG A 263 8.46 27.52 -18.00
CA ARG A 263 9.52 28.49 -17.90
C ARG A 263 9.29 29.68 -18.82
N LYS A 264 8.47 29.52 -19.87
CA LYS A 264 8.07 30.73 -20.62
C LYS A 264 7.34 31.72 -19.74
N LEU A 265 6.78 31.30 -18.61
CA LEU A 265 6.11 32.20 -17.67
C LEU A 265 6.99 32.51 -16.46
N ASN A 266 8.28 32.19 -16.54
CA ASN A 266 9.27 32.45 -15.49
C ASN A 266 8.92 31.74 -14.19
N LEU A 267 8.26 30.59 -14.28
CA LEU A 267 7.96 29.82 -13.09
C LEU A 267 9.20 29.09 -12.62
N SER A 268 9.30 28.93 -11.31
CA SER A 268 10.44 28.28 -10.68
C SER A 268 10.19 26.77 -10.68
N CYS A 269 10.89 26.04 -11.57
CA CYS A 269 10.66 24.62 -11.87
C CYS A 269 11.93 23.82 -11.77
N GLY A 270 11.77 22.52 -11.53
CA GLY A 270 12.85 21.57 -11.73
C GLY A 270 12.28 20.26 -12.24
N THR A 271 13.06 19.57 -13.06
CA THR A 271 12.63 18.25 -13.52
C THR A 271 13.23 17.16 -12.64
N TYR A 272 12.67 15.96 -12.79
CA TYR A 272 13.02 14.88 -11.87
C TYR A 272 12.73 13.57 -12.59
N HIS A 273 13.78 12.91 -13.10
CA HIS A 273 13.59 11.69 -13.85
C HIS A 273 14.83 10.83 -13.71
N ALA A 274 14.71 9.59 -14.21
CA ALA A 274 15.74 8.56 -14.04
C ALA A 274 17.01 8.85 -14.83
N GLY A 275 16.95 9.71 -15.84
CA GLY A 275 18.17 10.08 -16.54
C GLY A 275 19.14 10.91 -15.73
N MET A 276 18.75 11.33 -14.53
CA MET A 276 19.56 12.23 -13.73
C MET A 276 20.47 11.46 -12.79
N SER A 277 21.56 12.10 -12.40
CA SER A 277 22.38 11.49 -11.37
C SER A 277 21.64 11.51 -10.04
N PHE A 278 21.93 10.52 -9.20
CA PHE A 278 21.37 10.50 -7.86
C PHE A 278 21.59 11.83 -7.16
N SER A 279 22.77 12.43 -7.35
CA SER A 279 23.06 13.70 -6.69
C SER A 279 22.21 14.83 -7.26
N THR A 280 21.98 14.81 -8.58
CA THR A 280 21.18 15.89 -9.21
C THR A 280 19.73 15.80 -8.68
N ARG A 281 19.23 14.58 -8.50
CA ARG A 281 17.83 14.39 -8.05
C ARG A 281 17.74 14.80 -6.57
N LYS A 282 18.77 14.51 -5.79
CA LYS A 282 18.79 14.97 -4.38
C LYS A 282 18.78 16.51 -4.37
N ASP A 283 19.53 17.10 -5.27
CA ASP A 283 19.59 18.55 -5.28
C ASP A 283 18.23 19.15 -5.60
N ILE A 284 17.54 18.58 -6.59
CA ILE A 284 16.22 19.09 -6.96
C ILE A 284 15.23 18.88 -5.81
N HIS A 285 15.26 17.70 -5.22
CA HIS A 285 14.41 17.44 -4.07
C HIS A 285 14.63 18.46 -2.96
N HIS A 286 15.90 18.77 -2.66
CA HIS A 286 16.20 19.71 -1.58
C HIS A 286 15.73 21.11 -1.93
N ARG A 287 15.90 21.54 -3.19
CA ARG A 287 15.42 22.87 -3.52
C ARG A 287 13.88 22.94 -3.51
N PHE A 288 13.21 21.83 -3.79
CA PHE A 288 11.75 21.79 -3.66
C PHE A 288 11.35 21.89 -2.19
N VAL A 289 12.02 21.13 -1.34
CA VAL A 289 11.66 21.14 0.08
C VAL A 289 11.79 22.54 0.65
N ARG A 290 12.85 23.26 0.28
CA ARG A 290 13.03 24.59 0.88
C ARG A 290 12.32 25.68 0.09
N ASP A 291 11.53 25.31 -0.91
CA ASP A 291 10.72 26.21 -1.73
C ASP A 291 11.56 27.14 -2.59
N GLU A 292 12.79 26.78 -2.91
CA GLU A 292 13.51 27.48 -3.97
C GLU A 292 12.90 27.20 -5.33
N ILE A 293 12.37 26.00 -5.53
CA ILE A 293 11.57 25.71 -6.72
C ILE A 293 10.15 25.44 -6.26
N GLN A 294 9.20 25.92 -7.04
CA GLN A 294 7.80 25.76 -6.68
C GLN A 294 7.18 24.52 -7.28
N CYS A 295 7.74 24.01 -8.37
CA CYS A 295 7.09 22.94 -9.10
C CYS A 295 8.13 21.93 -9.57
N VAL A 296 7.91 20.66 -9.25
CA VAL A 296 8.74 19.58 -9.76
C VAL A 296 7.95 18.87 -10.85
N ILE A 297 8.54 18.76 -12.03
CA ILE A 297 7.94 18.00 -13.13
C ILE A 297 8.70 16.69 -13.23
N ALA A 298 8.01 15.57 -13.05
CA ALA A 298 8.64 14.30 -12.73
C ALA A 298 8.12 13.19 -13.62
N THR A 299 8.97 12.21 -13.89
CA THR A 299 8.52 10.97 -14.59
C THR A 299 8.77 9.77 -13.68
N ILE A 300 9.40 9.98 -12.54
CA ILE A 300 9.80 8.86 -11.64
C ILE A 300 8.56 8.11 -11.11
N ALA A 301 8.58 6.78 -11.25
CA ALA A 301 7.44 5.96 -10.80
C ALA A 301 7.14 6.16 -9.32
N PHE A 302 5.86 6.28 -8.99
CA PHE A 302 5.44 6.35 -7.57
C PHE A 302 5.86 7.66 -6.93
N GLY A 303 6.46 8.56 -7.71
CA GLY A 303 6.97 9.73 -7.04
C GLY A 303 8.10 9.42 -6.08
N MET A 304 8.79 8.28 -6.28
CA MET A 304 9.80 7.85 -5.31
C MET A 304 10.81 8.95 -5.07
N GLY A 305 11.03 9.24 -3.80
CA GLY A 305 11.99 10.24 -3.43
C GLY A 305 11.47 11.65 -3.31
N ILE A 306 10.24 11.94 -3.75
CA ILE A 306 9.71 13.30 -3.61
C ILE A 306 8.90 13.35 -2.30
N ASN A 307 9.59 13.74 -1.24
CA ASN A 307 9.09 13.73 0.12
C ASN A 307 9.05 15.17 0.61
N LYS A 308 7.86 15.74 0.73
CA LYS A 308 7.72 17.13 1.16
C LYS A 308 6.40 17.26 1.89
N ALA A 309 6.39 18.01 3.00
CA ALA A 309 5.22 17.99 3.85
C ALA A 309 4.04 18.76 3.27
N ASP A 310 4.32 19.82 2.52
CA ASP A 310 3.30 20.79 2.13
C ASP A 310 3.10 20.83 0.63
N ILE A 311 2.90 19.67 0.00
CA ILE A 311 2.58 19.65 -1.42
C ILE A 311 1.08 19.92 -1.54
N ARG A 312 0.74 21.06 -2.12
CA ARG A 312 -0.65 21.51 -2.17
C ARG A 312 -1.36 21.03 -3.41
N GLN A 313 -0.64 20.73 -4.48
CA GLN A 313 -1.22 20.33 -5.76
C GLN A 313 -0.40 19.21 -6.42
N VAL A 314 -1.08 18.16 -6.83
CA VAL A 314 -0.53 17.16 -7.73
C VAL A 314 -1.31 17.22 -9.02
N ILE A 315 -0.60 17.23 -10.15
CA ILE A 315 -1.22 17.16 -11.45
C ILE A 315 -0.61 15.98 -12.20
N HIS A 316 -1.45 15.08 -12.69
CA HIS A 316 -1.00 14.10 -13.67
C HIS A 316 -1.23 14.69 -15.04
N TYR A 317 -0.17 15.06 -15.75
CA TYR A 317 -0.34 15.62 -17.09
C TYR A 317 -0.24 14.46 -18.06
N GLY A 318 -1.39 13.90 -18.40
CA GLY A 318 -1.52 12.66 -19.13
C GLY A 318 -2.02 11.55 -18.22
N ALA A 319 -2.75 10.61 -18.81
CA ALA A 319 -3.24 9.48 -18.05
C ALA A 319 -2.11 8.83 -17.27
N PRO A 320 -2.32 8.49 -16.00
CA PRO A 320 -1.31 7.74 -15.24
C PRO A 320 -1.15 6.34 -15.80
N LYS A 321 -0.09 5.68 -15.35
CA LYS A 321 0.26 4.36 -15.87
C LYS A 321 -0.77 3.31 -15.47
N ASP A 322 -1.16 3.29 -14.20
CA ASP A 322 -2.17 2.36 -13.71
C ASP A 322 -2.60 2.82 -12.33
N MET A 323 -3.61 2.14 -11.77
CA MET A 323 -4.15 2.62 -10.51
C MET A 323 -3.12 2.53 -9.38
N GLU A 324 -2.22 1.55 -9.41
CA GLU A 324 -1.23 1.47 -8.32
C GLU A 324 -0.25 2.64 -8.39
N SER A 325 0.24 2.95 -9.58
CA SER A 325 1.15 4.09 -9.65
C SER A 325 0.42 5.39 -9.32
N TYR A 326 -0.80 5.54 -9.81
CA TYR A 326 -1.60 6.72 -9.50
C TYR A 326 -1.77 6.90 -7.99
N TYR A 327 -2.17 5.84 -7.32
CA TYR A 327 -2.34 5.85 -5.86
C TYR A 327 -1.08 6.35 -5.18
N GLN A 328 0.06 5.74 -5.51
CA GLN A 328 1.30 6.17 -4.87
C GLN A 328 1.63 7.62 -5.20
N GLU A 329 1.33 8.05 -6.41
CA GLU A 329 1.81 9.35 -6.84
C GLU A 329 0.98 10.48 -6.25
N ILE A 330 -0.34 10.29 -6.18
CA ILE A 330 -1.13 11.33 -5.51
C ILE A 330 -0.99 11.23 -4.00
N GLY A 331 -0.62 10.07 -3.44
CA GLY A 331 -0.48 10.08 -2.00
C GLY A 331 0.64 10.96 -1.47
N ARG A 332 1.53 11.41 -2.35
CA ARG A 332 2.61 12.33 -2.01
C ARG A 332 2.08 13.67 -1.55
N ALA A 333 0.83 14.01 -1.90
CA ALA A 333 0.27 15.31 -1.61
C ALA A 333 -0.21 15.40 -0.17
N GLY A 334 -0.26 16.65 0.34
CA GLY A 334 -1.01 16.93 1.57
C GLY A 334 -0.55 16.17 2.81
N ARG A 335 0.76 15.91 2.93
CA ARG A 335 1.19 15.10 4.08
C ARG A 335 1.07 15.86 5.39
N ASP A 336 1.03 17.19 5.32
CA ASP A 336 0.85 17.99 6.53
C ASP A 336 -0.60 18.04 7.00
N GLY A 337 -1.53 17.36 6.31
CA GLY A 337 -2.92 17.38 6.73
C GLY A 337 -3.72 18.56 6.24
N LEU A 338 -3.10 19.54 5.59
CA LEU A 338 -3.84 20.69 5.08
C LEU A 338 -4.44 20.36 3.71
N GLN A 339 -5.38 21.20 3.27
CA GLN A 339 -6.13 20.91 2.05
C GLN A 339 -5.20 20.90 0.85
N SER A 340 -5.32 19.86 0.02
CA SER A 340 -4.58 19.74 -1.23
C SER A 340 -5.52 19.25 -2.33
N SER A 341 -5.08 19.33 -3.57
CA SER A 341 -5.87 18.87 -4.72
C SER A 341 -5.02 17.98 -5.60
N CYS A 342 -5.65 16.96 -6.21
CA CYS A 342 -4.97 16.06 -7.14
C CYS A 342 -5.79 16.00 -8.40
N HIS A 343 -5.27 16.57 -9.50
CA HIS A 343 -5.97 16.64 -10.77
C HIS A 343 -5.28 15.74 -11.79
N VAL A 344 -6.07 15.00 -12.58
CA VAL A 344 -5.55 14.33 -13.77
C VAL A 344 -6.05 15.11 -14.97
N LEU A 345 -5.16 15.41 -15.90
CA LEU A 345 -5.51 15.96 -17.21
C LEU A 345 -5.23 14.85 -18.22
N TRP A 346 -6.23 14.44 -19.00
CA TRP A 346 -6.01 13.26 -19.83
C TRP A 346 -6.68 13.41 -21.19
N ALA A 347 -6.27 12.56 -22.13
CA ALA A 347 -6.95 12.39 -23.42
C ALA A 347 -6.94 10.91 -23.77
N PRO A 348 -7.94 10.44 -24.54
CA PRO A 348 -7.92 9.02 -24.95
C PRO A 348 -6.67 8.62 -25.73
N ALA A 349 -6.02 9.56 -26.42
CA ALA A 349 -4.79 9.28 -27.16
C ALA A 349 -3.54 9.25 -26.28
N ASP A 350 -3.67 9.36 -24.97
CA ASP A 350 -2.50 9.38 -24.09
C ASP A 350 -1.71 8.06 -24.18
N ILE A 351 -0.38 8.17 -23.94
CA ILE A 351 0.54 7.03 -24.04
C ILE A 351 0.09 5.87 -23.16
N ASN A 352 -0.30 6.17 -21.93
CA ASN A 352 -0.62 5.09 -21.01
C ASN A 352 -1.96 4.45 -21.29
N LEU A 353 -2.69 4.91 -22.31
CA LEU A 353 -3.91 4.24 -22.75
C LEU A 353 -3.76 3.64 -24.14
N ASN A 354 -2.56 3.62 -24.69
CA ASN A 354 -2.37 3.13 -26.05
C ASN A 354 -2.11 1.61 -25.99
N ARG A 355 -3.13 0.81 -26.32
CA ARG A 355 -2.97 -0.63 -26.26
C ARG A 355 -1.98 -1.15 -27.27
N HIS A 356 -1.71 -0.40 -28.34
CA HIS A 356 -0.76 -0.89 -29.33
C HIS A 356 0.63 -1.05 -28.74
N LEU A 357 0.97 -0.27 -27.70
CA LEU A 357 2.26 -0.42 -27.06
C LEU A 357 2.41 -1.75 -26.34
N LEU A 358 1.34 -2.52 -26.19
CA LEU A 358 1.40 -3.76 -25.46
C LEU A 358 1.47 -4.99 -26.37
N THR A 359 1.35 -4.79 -27.67
CA THR A 359 1.15 -5.93 -28.57
C THR A 359 2.33 -6.89 -28.50
N GLU A 360 3.54 -6.35 -28.47
CA GLU A 360 4.75 -7.16 -28.56
C GLU A 360 5.10 -7.90 -27.28
N ILE A 361 4.33 -7.73 -26.20
CA ILE A 361 4.67 -8.41 -24.96
C ILE A 361 4.52 -9.91 -25.19
N ARG A 362 5.57 -10.66 -24.85
CA ARG A 362 5.56 -12.10 -25.14
C ARG A 362 4.84 -12.91 -24.07
N ASN A 363 5.02 -12.55 -22.80
CA ASN A 363 4.38 -13.27 -21.69
C ASN A 363 2.88 -12.98 -21.73
N GLU A 364 2.05 -14.00 -22.02
CA GLU A 364 0.62 -13.79 -22.17
C GLU A 364 -0.01 -13.25 -20.90
N LYS A 365 0.43 -13.76 -19.74
CA LYS A 365 -0.14 -13.32 -18.47
C LYS A 365 0.16 -11.85 -18.21
N PHE A 366 1.39 -11.43 -18.51
CA PHE A 366 1.75 -10.04 -18.32
C PHE A 366 1.01 -9.14 -19.30
N ARG A 367 0.85 -9.58 -20.54
CA ARG A 367 0.11 -8.76 -21.51
C ARG A 367 -1.31 -8.56 -21.04
N LEU A 368 -1.95 -9.63 -20.54
CA LEU A 368 -3.29 -9.48 -20.00
C LEU A 368 -3.30 -8.50 -18.83
N TYR A 369 -2.33 -8.63 -17.93
CA TYR A 369 -2.27 -7.72 -16.79
C TYR A 369 -2.16 -6.27 -17.25
N LYS A 370 -1.27 -6.00 -18.21
CA LYS A 370 -1.12 -4.62 -18.67
C LYS A 370 -2.40 -4.11 -19.35
N LEU A 371 -3.08 -4.97 -20.12
CA LEU A 371 -4.32 -4.53 -20.78
C LEU A 371 -5.43 -4.27 -19.76
N LYS A 372 -5.51 -5.12 -18.74
CA LYS A 372 -6.48 -4.91 -17.67
C LYS A 372 -6.19 -3.61 -16.92
N MET A 373 -4.92 -3.33 -16.66
CA MET A 373 -4.59 -2.12 -15.91
C MET A 373 -4.89 -0.87 -16.73
N MET A 374 -4.67 -0.92 -18.05
CA MET A 374 -5.08 0.20 -18.90
C MET A 374 -6.57 0.42 -18.86
N ALA A 375 -7.33 -0.65 -19.08
CA ALA A 375 -8.79 -0.52 -19.05
C ALA A 375 -9.26 0.05 -17.72
N LYS A 376 -8.74 -0.46 -16.60
CA LYS A 376 -9.17 0.01 -15.30
C LYS A 376 -8.86 1.49 -15.11
N MET A 377 -7.65 1.91 -15.50
CA MET A 377 -7.29 3.34 -15.42
C MET A 377 -8.26 4.20 -16.25
N GLU A 378 -8.52 3.77 -17.47
CA GLU A 378 -9.41 4.54 -18.35
C GLU A 378 -10.82 4.60 -17.79
N LYS A 379 -11.31 3.49 -17.20
CA LYS A 379 -12.63 3.48 -16.63
C LYS A 379 -12.72 4.44 -15.44
N TYR A 380 -11.66 4.51 -14.66
CA TYR A 380 -11.63 5.50 -13.58
C TYR A 380 -11.72 6.90 -14.15
N LEU A 381 -10.95 7.18 -15.19
CA LEU A 381 -10.87 8.55 -15.68
C LEU A 381 -12.18 9.00 -16.32
N HIS A 382 -12.87 8.09 -16.98
CA HIS A 382 -14.14 8.38 -17.66
C HIS A 382 -15.34 8.32 -16.71
N SER A 383 -15.17 7.85 -15.48
CA SER A 383 -16.31 7.53 -14.63
C SER A 383 -17.08 8.77 -14.19
N SER A 384 -18.36 8.54 -13.85
CA SER A 384 -19.22 9.59 -13.27
C SER A 384 -19.32 9.32 -11.76
N ARG A 385 -18.73 8.22 -11.30
CA ARG A 385 -18.86 7.86 -9.87
C ARG A 385 -17.83 8.58 -9.02
N CYS A 386 -18.09 8.59 -7.72
CA CYS A 386 -17.14 9.23 -6.81
C CYS A 386 -15.74 8.66 -7.02
N ARG A 387 -14.76 9.55 -7.24
CA ARG A 387 -13.38 9.12 -7.48
C ARG A 387 -12.80 8.39 -6.27
N ARG A 388 -13.10 8.90 -5.08
CA ARG A 388 -12.57 8.28 -3.87
C ARG A 388 -13.16 6.89 -3.67
N GLN A 389 -14.44 6.72 -3.97
CA GLN A 389 -15.05 5.40 -3.84
C GLN A 389 -14.42 4.41 -4.80
N ILE A 390 -14.09 4.84 -6.02
CA ILE A 390 -13.44 3.94 -6.96
C ILE A 390 -12.11 3.47 -6.39
N ILE A 391 -11.32 4.43 -5.87
CA ILE A 391 -10.01 4.09 -5.31
C ILE A 391 -10.16 3.12 -4.14
N LEU A 392 -11.05 3.45 -3.20
CA LEU A 392 -11.16 2.62 -2.01
C LEU A 392 -11.71 1.24 -2.33
N SER A 393 -12.59 1.15 -3.34
CA SER A 393 -13.11 -0.15 -3.74
C SER A 393 -12.03 -1.00 -4.37
N HIS A 394 -11.14 -0.38 -5.14
CA HIS A 394 -10.06 -1.16 -5.72
C HIS A 394 -9.05 -1.60 -4.66
N PHE A 395 -8.69 -0.71 -3.75
CA PHE A 395 -7.56 -0.97 -2.85
C PHE A 395 -7.93 -1.56 -1.51
N GLU A 396 -9.14 -1.33 -1.00
CA GLU A 396 -9.40 -1.65 0.39
C GLU A 396 -10.58 -2.59 0.51
N ASP A 397 -10.62 -3.37 1.60
CA ASP A 397 -11.79 -4.21 1.71
C ASP A 397 -12.97 -3.36 2.21
N LYS A 398 -14.13 -4.01 2.25
CA LYS A 398 -15.39 -3.27 2.40
C LYS A 398 -15.46 -2.57 3.75
N GLN A 399 -14.88 -3.16 4.80
CA GLN A 399 -14.90 -2.52 6.11
C GLN A 399 -14.19 -1.17 6.09
N VAL A 400 -13.05 -1.08 5.40
CA VAL A 400 -12.35 0.20 5.32
C VAL A 400 -13.23 1.23 4.64
N GLN A 401 -13.86 0.83 3.53
CA GLN A 401 -14.71 1.76 2.80
C GLN A 401 -15.87 2.24 3.67
N LYS A 402 -16.47 1.34 4.46
CA LYS A 402 -17.62 1.71 5.28
C LYS A 402 -17.22 2.55 6.47
N ALA A 403 -15.97 2.40 6.91
CA ALA A 403 -15.45 3.17 8.03
C ALA A 403 -15.19 4.62 7.66
N SER A 404 -15.06 4.91 6.36
CA SER A 404 -14.79 6.28 5.93
C SER A 404 -15.96 7.18 6.31
N LEU A 405 -15.67 8.29 6.96
CA LEU A 405 -16.72 9.15 7.48
C LEU A 405 -16.35 10.61 7.25
N GLY A 406 -17.25 11.35 6.61
CA GLY A 406 -17.11 12.79 6.54
C GLY A 406 -16.39 13.35 5.34
N ILE A 407 -16.05 12.54 4.33
CA ILE A 407 -15.46 13.06 3.11
C ILE A 407 -16.26 12.69 1.86
N MET A 408 -16.50 11.38 1.64
CA MET A 408 -17.21 10.99 0.43
C MET A 408 -18.62 11.61 0.41
N GLY A 409 -19.05 12.03 -0.76
CA GLY A 409 -20.37 12.64 -0.85
C GLY A 409 -20.43 14.10 -0.47
N THR A 410 -19.29 14.74 -0.17
CA THR A 410 -19.26 16.16 0.16
C THR A 410 -18.55 16.95 -0.92
N GLU A 411 -18.70 18.27 -0.86
CA GLU A 411 -18.05 19.18 -1.82
C GLU A 411 -16.53 19.07 -1.80
N LYS A 412 -15.93 18.65 -0.69
CA LYS A 412 -14.49 18.52 -0.58
C LYS A 412 -13.94 17.20 -1.14
N CYS A 413 -14.80 16.26 -1.56
CA CYS A 413 -14.32 14.92 -1.90
C CYS A 413 -13.76 14.85 -3.31
N CYS A 414 -14.59 15.11 -4.32
CA CYS A 414 -14.13 14.96 -5.70
C CYS A 414 -15.07 15.70 -6.62
N ASP A 415 -14.66 15.80 -7.91
CA ASP A 415 -15.46 16.54 -8.88
C ASP A 415 -16.85 15.92 -9.06
N ASN A 416 -16.95 14.58 -9.05
CA ASN A 416 -18.24 13.95 -9.27
C ASN A 416 -19.16 14.12 -8.07
N CYS A 417 -18.62 14.10 -6.84
CA CYS A 417 -19.46 14.38 -5.68
C CYS A 417 -19.97 15.82 -5.73
N ARG A 418 -19.08 16.76 -6.11
CA ARG A 418 -19.49 18.16 -6.25
C ARG A 418 -20.60 18.29 -7.26
N SER A 419 -20.43 17.66 -8.43
CA SER A 419 -21.46 17.73 -9.47
C SER A 419 -22.79 17.16 -9.00
N ARG A 420 -22.78 16.16 -8.12
CA ARG A 420 -24.08 15.66 -7.67
C ARG A 420 -24.73 16.52 -6.60
N LEU A 421 -24.01 17.50 -6.06
CA LEU A 421 -24.64 18.45 -5.15
C LEU A 421 -25.14 19.71 -5.84
N ASP A 422 -24.62 20.03 -7.03
CA ASP A 422 -24.94 21.26 -7.73
C ASP A 422 -26.11 21.04 -8.65
N HIS A 423 -26.37 21.99 -9.52
CA HIS A 423 -27.50 21.77 -10.38
C HIS A 423 -27.10 20.81 -11.48
N CYS A 424 -27.98 19.84 -11.72
CA CYS A 424 -27.76 18.78 -12.69
C CYS A 424 -28.90 18.78 -13.71
C4 A1CA5 B . 2.45 1.98 -0.67
C6 A1CA5 B . 1.36 4.14 -0.62
C7 A1CA5 B . 0.53 5.09 0.21
C8 A1CA5 B . -0.09 6.19 -0.67
C10 A1CA5 B . -2.04 7.61 -0.08
C13 A1CA5 B . -5.14 6.89 -0.44
C15 A1CA5 B . -6.48 7.18 -0.48
C17 A1CA5 B . -8.43 8.41 -1.50
C21 A1CA5 B . 0.07 7.80 1.18
C22 A1CA5 B . 0.61 6.74 2.12
C26 A1CA5 B . 4.98 6.82 0.85
C1 A1CA5 B . 6.11 2.50 0.26
C11 A1CA5 B . -2.77 7.03 -1.26
C12 A1CA5 B . -4.22 7.45 -1.29
C16 A1CA5 B . -6.96 8.10 -1.41
C18 A1CA5 B . -6.05 8.67 -2.27
C19 A1CA5 B . -4.70 8.37 -2.22
C23 A1CA5 B . 1.39 5.69 1.34
C25 A1CA5 B . 3.77 6.22 1.52
C27 A1CA5 B . 5.40 8.14 1.51
C29 A1CA5 B . 3.56 9.72 0.91
C3 A1CA5 B . 3.72 2.09 0.19
C31 A1CA5 B . 2.48 9.86 2.87
C32 A1CA5 B . 3.61 9.06 3.06
C33 A1CA5 B . 3.92 8.51 4.29
C34 A1CA5 B . 3.07 8.79 5.36
C38 A1CA5 B . 2.82 5.81 6.49
C39 A1CA5 B . 1.40 5.44 6.19
C41 A1CA5 B . 1.93 9.58 5.18
C42 A1CA5 B . 1.63 10.12 3.94
C46 A1CA5 B . 1.96 0.53 -0.68
C47 A1CA5 B . 0.74 0.26 -1.55
C48 A1CA5 B . 0.40 -1.22 -1.56
C49 A1CA5 B . -0.78 -1.54 -2.48
C50 A1CA5 B . -0.52 -1.05 -3.89
C51 A1CA5 B . -0.22 0.43 -3.89
C52 A1CA5 B . 0.95 0.75 -2.97
F14 A1CA5 B . -4.69 6.03 0.49
N2 A1CA5 B . 4.85 2.35 -0.44
N24 A1CA5 B . 2.64 6.24 0.82
N28 A1CA5 B . 4.25 8.99 1.83
N30 A1CA5 B . 2.48 10.25 1.55
N35 A1CA5 B . 3.50 8.43 6.67
N5 A1CA5 B . 1.47 2.90 -0.14
N9 A1CA5 B . -0.77 7.20 0.13
O20 A1CA5 B . -2.56 8.45 0.63
O37 A1CA5 B . 3.93 6.94 8.57
O40 A1CA5 B . 1.64 7.61 7.97
O43 A1CA5 B . 3.88 9.89 -0.26
O44 A1CA5 B . 3.85 5.73 2.64
O45 A1CA5 B . 1.88 4.49 -1.67
O53 A1CA5 B . 3.65 1.93 1.39
S36 A1CA5 B . 2.95 7.20 7.57
ZN ZN C . -16.31 11.76 -4.20
#